data_5J75
#
_entry.id   5J75
#
_cell.length_a   53.021
_cell.length_b   72.415
_cell.length_c   64.562
_cell.angle_alpha   90.00
_cell.angle_beta   99.53
_cell.angle_gamma   90.00
#
_symmetry.space_group_name_H-M   'P 1 21 1'
#
loop_
_entity.id
_entity.type
_entity.pdbx_description
1 polymer 'scFv AM2.2'
2 non-polymer 'PHOSPHATE ION'
3 non-polymer N,4-dimethyl-N-{2-oxo-2-[4-(pyridin-2-yl)piperazin-1-yl]ethyl}benzene-1-sulfonamide
4 water water
#
_entity_poly.entity_id   1
_entity_poly.type   'polypeptide(L)'
_entity_poly.pdbx_seq_one_letter_code
;QVQLVESEAEVKKPGSSVKVSCKASGGTFSSYAISWVRQAPGQGLEWMGGTIPIFGTADYAQEFQGRVTITTDESTSTAY
MELSGLRSEDTAVYYCVLLGTTMVTGHYFDYWGQGTLVTVSSGILGSGGGGSGGGGSGGGGSNFMLTQPPSASGTPGQSV
TISCSGSGSNIGNNKVNWYQQLPGTAPKLLIYSNNQRPSGVPDRFSGSKSGTSASLAISGLQSEDEADYYCAAWDDGLSG
YVFGTGTKLTVLAASGADHHHHHH
;
_entity_poly.pdbx_strand_id   A,B
#
loop_
_chem_comp.id
_chem_comp.type
_chem_comp.name
_chem_comp.formula
6GQ non-polymer N,4-dimethyl-N-{2-oxo-2-[4-(pyridin-2-yl)piperazin-1-yl]ethyl}benzene-1-sulfonamide 'C19 H24 N4 O3 S'
PO4 non-polymer 'PHOSPHATE ION' 'O4 P -3'
#
# COMPACT_ATOMS: atom_id res chain seq x y z
N VAL A 2 19.33 6.67 9.81
CA VAL A 2 18.21 7.09 8.88
C VAL A 2 17.49 8.35 9.40
N GLN A 3 17.44 9.38 8.53
CA GLN A 3 17.10 10.74 8.94
C GLN A 3 16.01 11.37 8.06
N LEU A 4 15.23 12.26 8.66
CA LEU A 4 14.13 12.97 8.00
C LEU A 4 14.25 14.48 8.23
N VAL A 5 14.34 15.24 7.14
CA VAL A 5 14.35 16.71 7.17
C VAL A 5 12.96 17.18 6.69
N GLU A 6 12.25 17.93 7.53
CA GLU A 6 10.99 18.54 7.16
C GLU A 6 11.18 20.03 6.96
N SER A 7 10.44 20.63 6.02
CA SER A 7 10.54 22.07 5.78
C SER A 7 10.15 22.87 7.01
N GLU A 8 10.44 24.15 6.94
CA GLU A 8 10.38 25.05 8.08
C GLU A 8 8.94 25.41 8.40
N ALA A 9 8.75 25.85 9.64
CA ALA A 9 7.45 26.35 10.12
C ALA A 9 6.89 27.40 9.20
N GLU A 10 5.57 27.48 9.08
CA GLU A 10 4.95 28.47 8.21
C GLU A 10 3.66 29.00 8.80
N VAL A 11 3.41 30.28 8.53
CA VAL A 11 2.18 30.97 8.93
C VAL A 11 1.41 31.26 7.68
N LYS A 12 0.15 30.86 7.64
CA LYS A 12 -0.63 30.94 6.40
C LYS A 12 -1.91 31.71 6.68
N LYS A 13 -2.41 32.37 5.65
CA LYS A 13 -3.71 33.02 5.72
C LYS A 13 -4.84 32.04 5.41
N PRO A 14 -6.05 32.28 5.95
CA PRO A 14 -7.18 31.39 5.67
C PRO A 14 -7.59 31.37 4.22
N GLY A 15 -7.72 30.18 3.66
CA GLY A 15 -8.05 30.01 2.24
C GLY A 15 -6.83 29.70 1.37
N SER A 16 -5.61 29.88 1.89
CA SER A 16 -4.39 29.58 1.15
C SER A 16 -4.17 28.08 1.18
N SER A 17 -3.15 27.61 0.50
CA SER A 17 -2.71 26.24 0.62
C SER A 17 -1.26 26.23 1.09
N VAL A 18 -0.85 25.11 1.68
CA VAL A 18 0.50 24.96 2.21
C VAL A 18 1.05 23.65 1.64
N LYS A 19 2.32 23.65 1.27
CA LYS A 19 2.99 22.44 0.80
C LYS A 19 4.20 22.15 1.68
N VAL A 20 4.14 21.08 2.48
CA VAL A 20 5.23 20.68 3.38
C VAL A 20 6.08 19.59 2.71
N SER A 21 7.39 19.67 2.87
CA SER A 21 8.29 18.63 2.35
C SER A 21 8.91 17.76 3.46
N CYS A 22 9.27 16.57 3.03
CA CYS A 22 9.89 15.58 3.88
C CYS A 22 10.97 14.87 3.07
N LYS A 23 12.22 15.18 3.39
CA LYS A 23 13.38 14.62 2.69
C LYS A 23 14.07 13.55 3.57
N ALA A 24 14.26 12.36 3.02
CA ALA A 24 14.89 11.25 3.76
C ALA A 24 16.41 11.17 3.50
N SER A 25 17.12 10.53 4.43
CA SER A 25 18.58 10.42 4.38
C SER A 25 19.04 9.08 4.90
N GLY A 26 20.30 8.81 4.57
CA GLY A 26 20.90 7.51 4.71
C GLY A 26 20.13 6.44 3.96
N GLY A 27 19.41 6.83 2.90
CA GLY A 27 18.85 5.89 1.96
C GLY A 27 17.80 6.50 1.05
N THR A 28 17.68 5.93 -0.15
CA THR A 28 16.39 5.79 -0.81
C THR A 28 15.74 4.69 0.04
N PHE A 29 14.44 4.69 0.39
CA PHE A 29 13.31 5.62 0.07
C PHE A 29 12.28 4.85 -0.76
N SER A 30 12.76 4.17 -1.82
CA SER A 30 11.91 3.38 -2.71
C SER A 30 11.43 2.05 -2.11
N SER A 31 12.07 1.54 -1.04
CA SER A 31 11.58 0.31 -0.38
C SER A 31 10.61 0.56 0.81
N TYR A 32 10.13 1.80 0.98
CA TYR A 32 9.34 2.21 2.15
C TYR A 32 7.99 2.83 1.75
N ALA A 33 7.17 3.19 2.72
CA ALA A 33 6.02 4.07 2.49
C ALA A 33 6.16 5.33 3.35
N ILE A 34 5.38 6.35 3.02
CA ILE A 34 5.38 7.63 3.69
C ILE A 34 3.96 7.99 4.06
N SER A 35 3.77 8.28 5.33
CA SER A 35 2.51 8.67 5.88
C SER A 35 2.64 10.05 6.45
N TRP A 36 1.53 10.76 6.47
CA TRP A 36 1.44 12.08 7.09
C TRP A 36 0.41 12.03 8.20
N VAL A 37 0.74 12.60 9.36
CA VAL A 37 -0.09 12.57 10.58
C VAL A 37 0.04 13.97 11.20
N ARG A 38 -1.06 14.60 11.60
CA ARG A 38 -0.98 15.95 12.22
C ARG A 38 -1.47 15.92 13.66
N GLN A 39 -1.05 16.94 14.40
CA GLN A 39 -1.45 17.08 15.78
C GLN A 39 -1.64 18.54 16.11
N ALA A 40 -2.89 18.94 16.32
CA ALA A 40 -3.20 20.30 16.78
C ALA A 40 -2.75 20.45 18.21
N PRO A 41 -2.44 21.69 18.63
CA PRO A 41 -1.82 21.91 19.92
C PRO A 41 -2.68 21.37 21.06
N GLY A 42 -2.09 20.49 21.87
CA GLY A 42 -2.78 19.88 23.00
C GLY A 42 -3.84 18.82 22.70
N GLN A 43 -3.84 18.32 21.46
CA GLN A 43 -4.85 17.39 20.96
C GLN A 43 -4.19 16.05 20.55
N GLY A 44 -5.00 15.14 20.02
CA GLY A 44 -4.53 13.85 19.58
C GLY A 44 -3.86 13.81 18.23
N LEU A 45 -3.67 12.61 17.71
CA LEU A 45 -2.98 12.40 16.43
C LEU A 45 -4.02 12.06 15.38
N GLU A 46 -3.87 12.65 14.18
CA GLU A 46 -4.83 12.47 13.08
C GLU A 46 -4.13 12.17 11.78
N TRP A 47 -4.35 10.97 11.24
CA TRP A 47 -3.81 10.58 9.95
C TRP A 47 -4.34 11.43 8.83
N MET A 48 -3.46 11.86 7.93
CA MET A 48 -3.89 12.64 6.73
C MET A 48 -3.98 11.77 5.49
N GLY A 49 -3.00 10.92 5.32
CA GLY A 49 -2.88 10.11 4.11
C GLY A 49 -1.53 9.46 4.04
N GLY A 50 -1.34 8.60 3.01
CA GLY A 50 -0.04 8.09 2.75
C GLY A 50 0.12 7.66 1.30
N THR A 51 1.38 7.40 0.97
CA THR A 51 1.77 7.05 -0.37
C THR A 51 2.84 5.97 -0.30
N ILE A 52 2.87 5.13 -1.34
CA ILE A 52 3.96 4.19 -1.57
C ILE A 52 4.68 4.68 -2.82
N PRO A 53 5.88 5.27 -2.64
CA PRO A 53 6.62 5.91 -3.73
C PRO A 53 6.89 4.99 -4.94
N ILE A 54 7.26 3.74 -4.73
CA ILE A 54 7.58 2.87 -5.86
C ILE A 54 6.35 2.67 -6.79
N PHE A 55 5.14 2.68 -6.23
CA PHE A 55 3.91 2.53 -7.01
C PHE A 55 3.32 3.83 -7.48
N GLY A 56 3.65 4.94 -6.77
CA GLY A 56 3.16 6.26 -7.11
C GLY A 56 1.71 6.41 -6.73
N THR A 57 1.22 5.55 -5.84
CA THR A 57 -0.18 5.56 -5.40
C THR A 57 -0.30 6.12 -3.98
N ALA A 58 -1.48 6.60 -3.67
CA ALA A 58 -1.77 7.23 -2.38
C ALA A 58 -3.21 7.03 -1.94
N ASP A 59 -3.45 7.27 -0.66
CA ASP A 59 -4.74 7.11 -0.05
C ASP A 59 -4.88 8.25 0.95
N TYR A 60 -6.06 8.82 1.08
CA TYR A 60 -6.27 10.02 1.90
C TYR A 60 -7.39 9.77 2.89
N ALA A 61 -7.27 10.33 4.09
CA ALA A 61 -8.35 10.25 5.07
C ALA A 61 -9.60 10.93 4.53
N GLN A 62 -10.73 10.30 4.80
CA GLN A 62 -12.04 10.69 4.29
C GLN A 62 -12.38 12.17 4.57
N GLU A 63 -12.13 12.62 5.79
CA GLU A 63 -12.46 13.98 6.22
C GLU A 63 -11.66 15.09 5.50
N PHE A 64 -10.54 14.76 4.86
CA PHE A 64 -9.78 15.66 3.97
C PHE A 64 -9.91 15.35 2.46
N GLN A 65 -10.82 14.45 2.05
CA GLN A 65 -10.93 14.14 0.62
C GLN A 65 -11.11 15.44 -0.19
N GLY A 66 -10.24 15.58 -1.17
CA GLY A 66 -10.26 16.67 -2.13
C GLY A 66 -9.52 17.91 -1.63
N ARG A 67 -8.84 17.77 -0.49
CA ARG A 67 -8.07 18.87 0.10
C ARG A 67 -6.60 18.54 0.26
N VAL A 68 -6.26 17.26 0.47
CA VAL A 68 -4.87 16.84 0.63
C VAL A 68 -4.38 16.24 -0.68
N THR A 69 -3.18 16.62 -1.11
CA THR A 69 -2.50 15.99 -2.25
C THR A 69 -1.14 15.56 -1.78
N ILE A 70 -0.82 14.28 -1.95
CA ILE A 70 0.46 13.74 -1.54
C ILE A 70 1.18 13.33 -2.85
N THR A 71 2.46 13.70 -2.96
CA THR A 71 3.30 13.41 -4.14
C THR A 71 4.67 13.04 -3.67
N THR A 72 5.46 12.47 -4.58
CA THR A 72 6.83 12.01 -4.27
C THR A 72 7.76 12.23 -5.44
N ASP A 73 8.98 12.68 -5.17
CA ASP A 73 10.05 12.77 -6.19
C ASP A 73 11.08 11.70 -5.84
N GLU A 74 11.01 10.57 -6.56
CA GLU A 74 11.84 9.39 -6.26
C GLU A 74 13.33 9.63 -6.37
N SER A 75 13.75 10.47 -7.33
CA SER A 75 15.17 10.76 -7.55
C SER A 75 15.83 11.52 -6.40
N THR A 76 15.08 12.45 -5.80
CA THR A 76 15.58 13.29 -4.70
C THR A 76 15.17 12.76 -3.30
N SER A 77 14.45 11.64 -3.24
CA SER A 77 14.01 11.06 -1.96
C SER A 77 13.16 12.07 -1.16
N THR A 78 12.26 12.78 -1.85
CA THR A 78 11.44 13.81 -1.22
C THR A 78 9.95 13.49 -1.41
N ALA A 79 9.20 13.54 -0.30
CA ALA A 79 7.73 13.44 -0.35
C ALA A 79 7.16 14.79 0.06
N TYR A 80 5.98 15.10 -0.47
CA TYR A 80 5.31 16.36 -0.27
C TYR A 80 3.87 16.09 0.12
N MET A 81 3.34 16.90 1.01
CA MET A 81 1.93 16.92 1.30
C MET A 81 1.42 18.33 1.11
N GLU A 82 0.41 18.46 0.27
CA GLU A 82 -0.26 19.77 0.06
C GLU A 82 -1.64 19.74 0.68
N LEU A 83 -1.95 20.75 1.50
CA LEU A 83 -3.28 20.95 2.06
C LEU A 83 -3.86 22.29 1.60
N SER A 84 -4.94 22.27 0.83
CA SER A 84 -5.59 23.50 0.35
C SER A 84 -6.75 23.95 1.23
N GLY A 85 -7.24 25.16 0.97
CA GLY A 85 -8.42 25.70 1.64
C GLY A 85 -8.28 25.81 3.13
N LEU A 86 -7.12 26.29 3.59
CA LEU A 86 -6.75 26.29 5.03
C LEU A 86 -7.69 27.14 5.88
N ARG A 87 -7.97 26.63 7.08
CA ARG A 87 -8.80 27.31 8.10
C ARG A 87 -8.07 27.24 9.45
N SER A 88 -8.61 27.93 10.45
CA SER A 88 -8.07 27.88 11.83
C SER A 88 -7.84 26.47 12.36
N GLU A 89 -8.83 25.61 12.13
CA GLU A 89 -8.79 24.22 12.56
C GLU A 89 -7.60 23.44 12.01
N ASP A 90 -6.97 23.94 10.94
CA ASP A 90 -5.79 23.30 10.34
C ASP A 90 -4.48 23.65 10.99
N THR A 91 -4.50 24.56 11.96
CA THR A 91 -3.32 24.82 12.79
C THR A 91 -2.86 23.55 13.49
N ALA A 92 -1.65 23.12 13.18
CA ALA A 92 -1.13 21.85 13.72
C ALA A 92 0.33 21.62 13.38
N VAL A 93 0.93 20.63 14.07
CA VAL A 93 2.24 20.11 13.71
C VAL A 93 1.98 18.98 12.75
N TYR A 94 2.59 19.04 11.56
CA TYR A 94 2.37 18.07 10.47
C TYR A 94 3.60 17.18 10.39
N TYR A 95 3.42 15.90 10.72
CA TYR A 95 4.52 14.92 10.80
C TYR A 95 4.60 14.04 9.55
N CYS A 96 5.84 13.86 9.11
CA CYS A 96 6.21 12.93 8.12
C CYS A 96 6.58 11.64 8.83
N VAL A 97 6.04 10.50 8.38
CA VAL A 97 6.37 9.17 8.94
C VAL A 97 6.87 8.25 7.82
N LEU A 98 8.06 7.71 8.01
CA LEU A 98 8.64 6.69 7.18
C LEU A 98 8.32 5.32 7.77
N LEU A 99 7.82 4.41 6.94
CA LEU A 99 7.43 3.06 7.44
C LEU A 99 7.77 1.96 6.43
N GLY A 100 8.04 0.78 6.95
CA GLY A 100 8.05 -0.42 6.12
C GLY A 100 8.79 -1.57 6.78
N THR A 101 9.69 -2.16 6.03
CA THR A 101 10.36 -3.40 6.44
C THR A 101 11.82 -3.12 6.52
N THR A 102 12.42 -3.53 7.64
CA THR A 102 13.84 -3.33 7.84
C THR A 102 14.58 -4.25 6.88
N MET A 103 15.66 -3.74 6.31
CA MET A 103 16.59 -4.58 5.54
C MET A 103 17.16 -5.65 6.47
N VAL A 104 17.42 -6.82 5.91
CA VAL A 104 18.02 -7.95 6.61
C VAL A 104 17.02 -8.62 7.58
N THR A 105 16.64 -7.94 8.66
CA THR A 105 15.83 -8.56 9.71
C THR A 105 14.38 -8.74 9.29
N GLY A 106 13.90 -7.92 8.37
CA GLY A 106 12.61 -8.11 7.75
C GLY A 106 11.41 -7.86 8.65
N HIS A 107 11.53 -6.96 9.62
CA HIS A 107 10.38 -6.63 10.47
C HIS A 107 10.00 -5.15 10.32
N TYR A 108 8.79 -4.85 10.76
CA TYR A 108 8.20 -3.52 10.67
C TYR A 108 9.03 -2.48 11.41
N PHE A 109 9.08 -1.27 10.90
CA PHE A 109 9.63 -0.15 11.66
C PHE A 109 8.90 1.12 11.19
N ASP A 110 8.85 2.13 12.06
CA ASP A 110 8.46 3.44 11.60
C ASP A 110 9.36 4.49 12.26
N TYR A 111 9.51 5.61 11.58
CA TYR A 111 10.31 6.71 12.10
C TYR A 111 9.57 8.02 11.80
N TRP A 112 9.37 8.86 12.81
CA TRP A 112 8.67 10.13 12.64
C TRP A 112 9.70 11.27 12.52
N GLY A 113 9.39 12.27 11.69
CA GLY A 113 10.20 13.51 11.62
C GLY A 113 9.83 14.39 12.78
N GLN A 114 10.55 15.48 12.98
CA GLN A 114 10.23 16.35 14.11
C GLN A 114 9.03 17.27 13.85
N GLY A 115 8.49 17.23 12.63
CA GLY A 115 7.23 17.89 12.30
C GLY A 115 7.44 19.28 11.75
N THR A 116 6.44 19.81 11.05
CA THR A 116 6.41 21.21 10.59
C THR A 116 5.18 21.89 11.19
N LEU A 117 5.40 22.95 11.96
CA LEU A 117 4.31 23.74 12.53
C LEU A 117 3.69 24.59 11.44
N VAL A 118 2.39 24.44 11.20
CA VAL A 118 1.66 25.30 10.28
C VAL A 118 0.62 26.01 11.12
N THR A 119 0.74 27.34 11.15
CA THR A 119 -0.24 28.18 11.82
C THR A 119 -1.09 28.94 10.84
N VAL A 120 -2.43 28.81 10.93
CA VAL A 120 -3.38 29.53 10.07
C VAL A 120 -4.08 30.68 10.78
N SER A 121 -3.88 31.90 10.26
CA SER A 121 -4.80 33.05 10.36
C SER A 121 -4.25 34.14 11.23
N SER A 142 -16.18 15.39 14.26
CA SER A 142 -14.76 15.08 14.31
C SER A 142 -14.57 13.60 14.01
N ASN A 143 -13.35 13.24 13.63
CA ASN A 143 -13.10 11.95 12.99
C ASN A 143 -13.20 10.75 13.95
N PHE A 144 -13.36 9.56 13.38
CA PHE A 144 -13.39 8.33 14.18
C PHE A 144 -12.04 8.08 14.86
N MET A 145 -12.11 7.74 16.14
CA MET A 145 -10.94 7.40 16.95
C MET A 145 -11.26 6.18 17.76
N LEU A 146 -10.24 5.39 18.05
CA LEU A 146 -10.31 4.28 18.94
C LEU A 146 -10.44 4.80 20.40
N THR A 147 -11.09 4.03 21.27
CA THR A 147 -11.42 4.55 22.63
C THR A 147 -10.36 4.18 23.64
N GLN A 148 -9.81 5.20 24.32
CA GLN A 148 -8.84 4.95 25.38
C GLN A 148 -9.26 5.75 26.62
N PRO A 149 -8.95 5.27 27.82
CA PRO A 149 -9.21 6.12 28.99
C PRO A 149 -8.37 7.42 28.94
N PRO A 150 -8.95 8.55 29.37
CA PRO A 150 -8.17 9.82 29.30
C PRO A 150 -6.87 9.80 30.11
N SER A 151 -6.84 9.05 31.20
CA SER A 151 -5.67 9.07 32.05
C SER A 151 -5.44 7.79 32.81
N ALA A 152 -4.21 7.64 33.24
CA ALA A 152 -3.79 6.55 34.09
C ALA A 152 -2.69 7.10 34.98
N SER A 153 -2.41 6.38 36.07
CA SER A 153 -1.33 6.78 36.98
C SER A 153 -0.75 5.61 37.83
N GLY A 154 0.47 5.79 38.29
CA GLY A 154 1.07 4.90 39.30
C GLY A 154 2.29 5.53 39.94
N THR A 155 2.86 4.85 40.93
CA THR A 155 4.08 5.32 41.62
C THR A 155 5.22 4.44 41.10
N PRO A 156 6.48 4.88 41.30
CA PRO A 156 7.62 4.11 40.74
C PRO A 156 7.67 2.66 41.19
N GLY A 157 7.95 1.75 40.27
CA GLY A 157 7.95 0.33 40.59
C GLY A 157 6.63 -0.41 40.41
N GLN A 158 5.49 0.30 40.40
CA GLN A 158 4.17 -0.30 40.12
C GLN A 158 4.01 -0.72 38.63
N SER A 159 2.87 -1.34 38.37
CA SER A 159 2.40 -1.69 37.04
C SER A 159 1.12 -0.95 36.69
N VAL A 160 0.92 -0.75 35.38
CA VAL A 160 -0.31 -0.18 34.92
C VAL A 160 -0.64 -0.79 33.57
N THR A 161 -1.95 -0.80 33.25
CA THR A 161 -2.46 -1.24 31.97
C THR A 161 -3.29 -0.11 31.37
N ILE A 162 -3.08 0.11 30.07
CA ILE A 162 -3.82 1.08 29.29
C ILE A 162 -4.56 0.31 28.19
N SER A 163 -5.87 0.56 28.10
CA SER A 163 -6.77 -0.14 27.21
C SER A 163 -7.09 0.69 25.97
N CYS A 164 -7.48 -0.02 24.92
CA CYS A 164 -7.80 0.57 23.64
C CYS A 164 -8.93 -0.24 23.04
N SER A 165 -10.16 0.28 22.94
CA SER A 165 -11.30 -0.48 22.43
C SER A 165 -11.67 -0.04 21.02
N GLY A 166 -11.95 -1.00 20.15
CA GLY A 166 -12.30 -0.72 18.75
C GLY A 166 -13.43 -1.64 18.31
N SER A 167 -13.48 -1.95 17.01
CA SER A 167 -14.54 -2.80 16.46
C SER A 167 -13.90 -3.69 15.40
N GLY A 168 -14.75 -4.53 14.78
CA GLY A 168 -14.35 -5.52 13.77
C GLY A 168 -13.44 -5.03 12.68
N SER A 169 -13.73 -3.84 12.14
CA SER A 169 -13.07 -3.34 10.93
C SER A 169 -11.68 -2.74 11.23
N ASN A 170 -11.37 -2.51 12.52
CA ASN A 170 -10.10 -1.98 12.87
C ASN A 170 -9.28 -2.99 13.69
N ILE A 171 -9.31 -2.88 15.02
CA ILE A 171 -8.53 -3.77 15.89
C ILE A 171 -8.88 -5.24 15.61
N GLY A 172 -10.16 -5.51 15.36
CA GLY A 172 -10.63 -6.92 15.08
C GLY A 172 -9.86 -7.64 13.95
N ASN A 173 -9.51 -6.89 12.91
CA ASN A 173 -8.90 -7.48 11.70
C ASN A 173 -7.50 -6.95 11.33
N ASN A 174 -6.95 -6.04 12.13
CA ASN A 174 -5.71 -5.34 11.78
C ASN A 174 -4.73 -5.25 12.98
N LYS A 175 -3.46 -5.03 12.64
CA LYS A 175 -2.36 -5.03 13.58
C LYS A 175 -2.38 -3.74 14.37
N VAL A 176 -2.23 -3.86 15.70
CA VAL A 176 -2.29 -2.69 16.56
C VAL A 176 -0.88 -2.23 16.84
N ASN A 177 -0.63 -0.90 16.69
CA ASN A 177 0.62 -0.30 17.18
C ASN A 177 0.38 0.58 18.38
N TRP A 178 1.43 0.73 19.21
CA TRP A 178 1.42 1.71 20.29
C TRP A 178 2.55 2.75 20.14
N TYR A 179 2.21 4.00 20.43
CA TYR A 179 3.13 5.12 20.35
C TYR A 179 3.27 5.81 21.72
N GLN A 180 4.49 6.14 22.08
CA GLN A 180 4.78 6.99 23.24
C GLN A 180 5.10 8.42 22.79
N GLN A 181 4.42 9.40 23.37
CA GLN A 181 4.76 10.81 23.12
C GLN A 181 5.13 11.55 24.42
N LEU A 182 6.42 11.82 24.57
CA LEU A 182 6.94 12.67 25.66
C LEU A 182 6.60 14.13 25.30
N PRO A 183 6.44 15.00 26.31
CA PRO A 183 6.09 16.40 25.99
C PRO A 183 7.17 17.07 25.19
N GLY A 184 6.74 17.81 24.16
CA GLY A 184 7.66 18.47 23.26
C GLY A 184 8.41 17.60 22.28
N THR A 185 7.96 16.35 22.06
CA THR A 185 8.66 15.45 21.14
C THR A 185 7.67 14.81 20.16
N ALA A 186 8.23 14.23 19.12
CA ALA A 186 7.47 13.47 18.17
C ALA A 186 7.04 12.15 18.81
N PRO A 187 5.94 11.55 18.34
CA PRO A 187 5.63 10.22 18.78
C PRO A 187 6.72 9.27 18.41
N LYS A 188 6.81 8.18 19.18
CA LYS A 188 7.78 7.15 18.94
C LYS A 188 7.16 5.76 19.07
N LEU A 189 7.51 4.83 18.17
CA LEU A 189 6.96 3.48 18.18
C LEU A 189 7.40 2.75 19.46
N LEU A 190 6.43 2.21 20.18
CA LEU A 190 6.66 1.47 21.40
C LEU A 190 6.37 -0.05 21.18
N ILE A 191 5.24 -0.35 20.51
CA ILE A 191 4.83 -1.72 20.14
C ILE A 191 4.31 -1.74 18.69
N TYR A 192 4.71 -2.76 17.95
CA TYR A 192 4.17 -3.02 16.65
C TYR A 192 3.61 -4.46 16.53
N SER A 193 2.77 -4.62 15.53
CA SER A 193 2.15 -5.91 15.24
C SER A 193 1.54 -6.56 16.52
N ASN A 194 0.74 -5.76 17.25
CA ASN A 194 0.08 -6.14 18.54
C ASN A 194 0.99 -6.30 19.76
N ASN A 195 2.13 -7.02 19.58
CA ASN A 195 2.96 -7.50 20.69
C ASN A 195 4.48 -7.49 20.49
N GLN A 196 4.97 -6.88 19.40
CA GLN A 196 6.40 -6.88 19.11
C GLN A 196 7.04 -5.60 19.59
N ARG A 197 8.23 -5.71 20.19
CA ARG A 197 9.01 -4.57 20.70
C ARG A 197 10.15 -4.19 19.74
N PRO A 198 10.20 -2.92 19.30
CA PRO A 198 11.41 -2.45 18.55
C PRO A 198 12.69 -2.57 19.37
N SER A 199 13.86 -2.66 18.77
CA SER A 199 15.08 -2.81 19.58
C SER A 199 15.27 -1.47 20.32
N GLY A 200 15.68 -1.53 21.57
CA GLY A 200 15.76 -0.33 22.37
C GLY A 200 14.62 -0.14 23.35
N VAL A 201 13.44 -0.71 23.08
CA VAL A 201 12.32 -0.63 24.01
C VAL A 201 12.46 -1.75 25.04
N PRO A 202 12.56 -1.41 26.34
CA PRO A 202 12.78 -2.45 27.34
C PRO A 202 11.59 -3.42 27.49
N ASP A 203 11.88 -4.62 28.00
CA ASP A 203 10.93 -5.71 28.12
C ASP A 203 9.77 -5.44 29.11
N ARG A 204 9.89 -4.39 29.92
CA ARG A 204 8.80 -4.02 30.82
C ARG A 204 7.57 -3.40 30.10
N PHE A 205 7.71 -3.05 28.82
CA PHE A 205 6.59 -2.66 27.96
C PHE A 205 6.13 -3.93 27.23
N SER A 206 4.85 -4.21 27.24
CA SER A 206 4.33 -5.32 26.43
C SER A 206 2.92 -5.03 25.92
N GLY A 207 2.60 -5.59 24.76
CA GLY A 207 1.32 -5.33 24.12
C GLY A 207 0.53 -6.59 23.96
N SER A 208 -0.79 -6.49 23.92
CA SER A 208 -1.61 -7.65 23.64
C SER A 208 -2.90 -7.20 22.92
N LYS A 209 -3.48 -8.10 22.13
CA LYS A 209 -4.82 -7.85 21.66
C LYS A 209 -5.61 -9.14 21.45
N SER A 210 -6.92 -9.01 21.62
CA SER A 210 -7.84 -10.11 21.49
C SER A 210 -9.20 -9.50 21.13
N GLY A 211 -9.89 -10.11 20.15
CA GLY A 211 -11.16 -9.61 19.63
C GLY A 211 -10.99 -8.17 19.18
N THR A 212 -11.80 -7.27 19.71
CA THR A 212 -11.77 -5.87 19.29
C THR A 212 -11.04 -4.95 20.29
N SER A 213 -10.25 -5.53 21.21
CA SER A 213 -9.56 -4.81 22.25
C SER A 213 -8.04 -5.06 22.24
N ALA A 214 -7.30 -4.04 22.62
CA ALA A 214 -5.85 -4.09 22.76
C ALA A 214 -5.40 -3.40 24.04
N SER A 215 -4.26 -3.83 24.56
CA SER A 215 -3.79 -3.36 25.86
C SER A 215 -2.28 -3.18 25.86
N LEU A 216 -1.82 -2.12 26.49
CA LEU A 216 -0.41 -1.88 26.69
C LEU A 216 -0.12 -2.01 28.20
N ALA A 217 0.81 -2.89 28.58
CA ALA A 217 1.15 -3.14 30.01
C ALA A 217 2.54 -2.63 30.24
N ILE A 218 2.70 -1.90 31.35
CA ILE A 218 3.99 -1.29 31.70
C ILE A 218 4.30 -1.79 33.08
N SER A 219 5.37 -2.56 33.18
CA SER A 219 5.92 -3.07 34.42
C SER A 219 6.99 -2.10 34.96
N GLY A 220 7.27 -2.17 36.25
CA GLY A 220 8.35 -1.38 36.85
C GLY A 220 8.39 0.09 36.43
N LEU A 221 7.26 0.76 36.61
CA LEU A 221 7.07 2.17 36.25
C LEU A 221 8.22 3.04 36.67
N GLN A 222 8.70 3.86 35.77
CA GLN A 222 9.76 4.83 36.05
C GLN A 222 9.24 6.24 35.68
N SER A 223 9.81 7.27 36.33
CA SER A 223 9.31 8.64 36.16
C SER A 223 9.39 9.09 34.70
N GLU A 224 10.41 8.62 33.98
CA GLU A 224 10.54 8.91 32.54
C GLU A 224 9.44 8.29 31.64
N ASP A 225 8.60 7.41 32.19
CA ASP A 225 7.48 6.82 31.42
C ASP A 225 6.28 7.75 31.38
N GLU A 226 6.34 8.87 32.11
CA GLU A 226 5.26 9.88 32.10
C GLU A 226 5.17 10.52 30.71
N ALA A 227 4.02 10.35 30.07
CA ALA A 227 3.85 10.65 28.67
C ALA A 227 2.43 10.38 28.25
N ASP A 228 2.12 10.74 27.00
CA ASP A 228 0.87 10.31 26.35
C ASP A 228 1.13 9.04 25.53
N TYR A 229 0.16 8.13 25.57
CA TYR A 229 0.24 6.82 24.89
C TYR A 229 -0.96 6.72 23.97
N TYR A 230 -0.72 6.34 22.71
CA TYR A 230 -1.74 6.25 21.73
C TYR A 230 -1.68 4.87 21.10
N CYS A 231 -2.82 4.20 21.02
CA CYS A 231 -2.92 3.00 20.18
C CYS A 231 -3.33 3.43 18.78
N ALA A 232 -3.19 2.51 17.82
CA ALA A 232 -3.52 2.83 16.40
C ALA A 232 -3.66 1.54 15.55
N ALA A 233 -4.53 1.60 14.55
CA ALA A 233 -4.67 0.54 13.58
C ALA A 233 -5.35 1.01 12.28
N TRP A 234 -5.09 0.25 11.22
CA TRP A 234 -5.87 0.44 10.00
C TRP A 234 -7.34 0.06 10.23
N ASP A 235 -8.24 0.76 9.54
CA ASP A 235 -9.62 0.48 9.57
C ASP A 235 -10.08 0.13 8.16
N ASP A 236 -10.62 -1.09 7.98
CA ASP A 236 -11.03 -1.57 6.64
C ASP A 236 -12.23 -0.84 6.07
N GLY A 237 -13.08 -0.26 6.91
CA GLY A 237 -14.27 0.40 6.47
C GLY A 237 -14.01 1.79 5.91
N LEU A 238 -13.20 2.57 6.63
CA LEU A 238 -12.70 3.88 6.19
C LEU A 238 -11.62 3.76 5.11
N SER A 239 -10.94 2.62 5.00
CA SER A 239 -9.69 2.53 4.25
C SER A 239 -8.72 3.66 4.68
N GLY A 240 -8.46 3.73 5.98
CA GLY A 240 -7.61 4.75 6.58
C GLY A 240 -7.13 4.32 7.96
N TYR A 241 -6.16 5.04 8.48
CA TYR A 241 -5.46 4.63 9.68
C TYR A 241 -6.06 5.45 10.77
N VAL A 242 -6.34 4.80 11.88
CA VAL A 242 -7.03 5.46 13.00
C VAL A 242 -6.22 5.37 14.27
N PHE A 243 -6.18 6.48 14.99
CA PHE A 243 -5.54 6.57 16.29
C PHE A 243 -6.58 6.55 17.39
N GLY A 244 -6.14 6.10 18.55
CA GLY A 244 -6.92 6.28 19.74
C GLY A 244 -6.86 7.70 20.29
N THR A 245 -7.82 7.97 21.19
CA THR A 245 -7.92 9.25 21.87
C THR A 245 -6.71 9.59 22.73
N GLY A 246 -5.92 8.61 23.16
CA GLY A 246 -4.67 8.87 23.88
C GLY A 246 -4.90 8.87 25.36
N THR A 247 -3.92 8.37 26.12
CA THR A 247 -3.99 8.23 27.57
C THR A 247 -2.79 8.94 28.20
N LYS A 248 -3.01 9.94 29.07
CA LYS A 248 -1.87 10.59 29.77
C LYS A 248 -1.54 9.77 31.00
N LEU A 249 -0.31 9.29 31.04
CA LEU A 249 0.15 8.49 32.17
C LEU A 249 0.98 9.40 33.08
N THR A 250 0.55 9.53 34.35
CA THR A 250 1.27 10.24 35.38
C THR A 250 1.97 9.29 36.35
N VAL A 251 3.26 9.52 36.58
CA VAL A 251 4.02 8.77 37.53
C VAL A 251 4.14 9.67 38.78
N LEU A 252 3.48 9.25 39.85
CA LEU A 252 3.42 10.02 41.09
C LEU A 252 4.68 9.74 41.87
N ALA A 253 5.64 10.65 41.87
CA ALA A 253 6.78 10.57 42.81
C ALA A 253 6.24 10.94 44.19
N ALA A 254 5.44 10.04 44.77
CA ALA A 254 4.63 10.29 45.97
C ALA A 254 5.29 9.66 47.19
N VAL B 2 13.89 -16.26 -7.70
CA VAL B 2 12.62 -15.99 -6.93
C VAL B 2 11.40 -16.69 -7.55
N GLN B 3 10.71 -17.50 -6.74
CA GLN B 3 9.74 -18.47 -7.24
C GLN B 3 8.38 -18.44 -6.53
N LEU B 4 7.33 -18.78 -7.26
CA LEU B 4 5.94 -18.77 -6.76
C LEU B 4 5.25 -20.11 -7.03
N VAL B 5 4.77 -20.76 -5.96
CA VAL B 5 4.02 -22.01 -6.06
C VAL B 5 2.57 -21.65 -5.76
N GLU B 6 1.68 -21.95 -6.70
CA GLU B 6 0.23 -21.77 -6.50
C GLU B 6 -0.42 -23.14 -6.34
N SER B 7 -1.46 -23.23 -5.52
CA SER B 7 -2.18 -24.48 -5.33
C SER B 7 -2.81 -24.97 -6.63
N GLU B 8 -3.26 -26.22 -6.59
CA GLU B 8 -3.65 -26.97 -7.76
C GLU B 8 -5.01 -26.54 -8.23
N ALA B 9 -5.29 -26.85 -9.50
CA ALA B 9 -6.58 -26.59 -10.14
C ALA B 9 -7.72 -27.14 -9.31
N GLU B 10 -8.87 -26.50 -9.35
CA GLU B 10 -10.00 -26.96 -8.58
C GLU B 10 -11.32 -26.76 -9.32
N VAL B 11 -12.24 -27.66 -9.08
CA VAL B 11 -13.58 -27.60 -9.64
C VAL B 11 -14.52 -27.41 -8.47
N LYS B 12 -15.37 -26.40 -8.57
CA LYS B 12 -16.22 -26.02 -7.44
C LYS B 12 -17.66 -25.97 -7.88
N LYS B 13 -18.56 -26.24 -6.94
CA LYS B 13 -19.99 -26.11 -7.18
C LYS B 13 -20.45 -24.65 -6.97
N PRO B 14 -21.53 -24.23 -7.66
CA PRO B 14 -22.04 -22.87 -7.50
C PRO B 14 -22.56 -22.58 -6.11
N GLY B 15 -22.10 -21.48 -5.52
CA GLY B 15 -22.43 -21.12 -4.16
C GLY B 15 -21.35 -21.50 -3.14
N SER B 16 -20.38 -22.33 -3.54
CA SER B 16 -19.26 -22.68 -2.64
C SER B 16 -18.27 -21.52 -2.58
N SER B 17 -17.23 -21.65 -1.75
CA SER B 17 -16.08 -20.75 -1.76
C SER B 17 -14.84 -21.53 -2.14
N VAL B 18 -13.84 -20.80 -2.63
CA VAL B 18 -12.57 -21.41 -2.99
C VAL B 18 -11.48 -20.58 -2.34
N LYS B 19 -10.44 -21.26 -1.85
CA LYS B 19 -9.28 -20.59 -1.25
C LYS B 19 -8.02 -21.04 -1.97
N VAL B 20 -7.42 -20.12 -2.74
CA VAL B 20 -6.19 -20.39 -3.48
C VAL B 20 -4.97 -19.90 -2.70
N SER B 21 -3.88 -20.67 -2.72
CA SER B 21 -2.64 -20.25 -2.06
C SER B 21 -1.53 -19.89 -3.04
N CYS B 22 -0.64 -19.06 -2.53
CA CYS B 22 0.50 -18.58 -3.25
C CYS B 22 1.71 -18.51 -2.32
N LYS B 23 2.62 -19.45 -2.51
CA LYS B 23 3.80 -19.59 -1.65
C LYS B 23 5.04 -19.10 -2.39
N ALA B 24 5.78 -18.17 -1.77
CA ALA B 24 7.00 -17.60 -2.38
C ALA B 24 8.28 -18.32 -1.94
N SER B 25 9.34 -18.15 -2.72
CA SER B 25 10.66 -18.80 -2.50
C SER B 25 11.82 -17.89 -2.96
N GLY B 26 13.07 -18.10 -2.56
CA GLY B 26 13.47 -19.02 -1.51
C GLY B 26 13.54 -18.30 -0.17
N GLY B 27 12.68 -17.30 0.01
CA GLY B 27 12.37 -16.79 1.34
C GLY B 27 11.41 -15.62 1.31
N THR B 28 11.55 -14.72 2.29
CA THR B 28 10.53 -13.70 2.60
C THR B 28 10.73 -12.43 1.74
N PHE B 29 9.69 -11.74 1.21
CA PHE B 29 8.20 -11.89 1.37
C PHE B 29 7.63 -10.67 2.09
N SER B 30 8.25 -10.33 3.22
CA SER B 30 7.87 -9.17 4.03
C SER B 30 8.25 -7.81 3.39
N SER B 31 9.20 -7.78 2.44
CA SER B 31 9.58 -6.51 1.78
C SER B 31 8.82 -6.25 0.45
N TYR B 32 7.76 -7.04 0.18
CA TYR B 32 7.03 -7.01 -1.10
C TYR B 32 5.52 -6.74 -0.88
N ALA B 33 4.76 -6.61 -1.97
CA ALA B 33 3.29 -6.72 -1.91
C ALA B 33 2.81 -7.88 -2.79
N ILE B 34 1.57 -8.29 -2.60
CA ILE B 34 0.96 -9.42 -3.32
C ILE B 34 -0.39 -8.95 -3.86
N SER B 35 -0.53 -9.13 -5.17
CA SER B 35 -1.74 -8.83 -5.87
C SER B 35 -2.29 -10.08 -6.45
N TRP B 36 -3.61 -10.11 -6.61
CA TRP B 36 -4.33 -11.19 -7.28
C TRP B 36 -5.03 -10.64 -8.52
N VAL B 37 -4.92 -11.34 -9.64
CA VAL B 37 -5.47 -10.93 -10.95
C VAL B 37 -6.04 -12.20 -11.57
N ARG B 38 -7.26 -12.16 -12.12
CA ARG B 38 -7.84 -13.38 -12.78
C ARG B 38 -8.04 -13.15 -14.25
N GLN B 39 -8.12 -14.25 -15.00
CA GLN B 39 -8.38 -14.20 -16.44
C GLN B 39 -9.28 -15.34 -16.85
N ALA B 40 -10.50 -15.01 -17.25
CA ALA B 40 -11.44 -16.02 -17.75
C ALA B 40 -10.97 -16.43 -19.11
N PRO B 41 -11.31 -17.67 -19.51
CA PRO B 41 -10.77 -18.21 -20.75
C PRO B 41 -11.06 -17.34 -21.95
N GLY B 42 -10.01 -16.95 -22.67
CA GLY B 42 -10.14 -16.11 -23.86
C GLY B 42 -10.46 -14.61 -23.65
N GLN B 43 -10.32 -14.12 -22.42
CA GLN B 43 -10.74 -12.79 -22.01
C GLN B 43 -9.56 -12.01 -21.45
N GLY B 44 -9.81 -10.79 -20.98
CA GLY B 44 -8.77 -9.93 -20.46
C GLY B 44 -8.35 -10.21 -19.02
N LEU B 45 -7.59 -9.29 -18.46
CA LEU B 45 -7.07 -9.44 -17.08
C LEU B 45 -7.90 -8.58 -16.16
N GLU B 46 -8.22 -9.12 -14.97
CA GLU B 46 -9.06 -8.42 -13.99
C GLU B 46 -8.46 -8.49 -12.61
N TRP B 47 -8.06 -7.34 -12.08
CA TRP B 47 -7.56 -7.24 -10.70
C TRP B 47 -8.62 -7.62 -9.69
N MET B 48 -8.24 -8.41 -8.70
CA MET B 48 -9.14 -8.77 -7.59
C MET B 48 -8.89 -7.99 -6.31
N GLY B 49 -7.64 -7.79 -6.01
CA GLY B 49 -7.25 -7.10 -4.78
C GLY B 49 -5.79 -7.32 -4.52
N GLY B 50 -5.30 -6.68 -3.46
CA GLY B 50 -3.96 -6.90 -3.04
C GLY B 50 -3.77 -6.57 -1.57
N THR B 51 -2.62 -6.99 -1.07
CA THR B 51 -2.24 -6.83 0.30
C THR B 51 -0.73 -6.49 0.40
N ILE B 52 -0.40 -5.77 1.48
CA ILE B 52 0.98 -5.55 1.90
C ILE B 52 1.15 -6.33 3.20
N PRO B 53 1.86 -7.48 3.13
CA PRO B 53 2.03 -8.37 4.27
C PRO B 53 2.62 -7.71 5.56
N ILE B 54 3.63 -6.86 5.41
CA ILE B 54 4.19 -6.24 6.62
C ILE B 54 3.16 -5.34 7.40
N PHE B 55 2.23 -4.73 6.72
CA PHE B 55 1.19 -3.90 7.33
C PHE B 55 -0.08 -4.66 7.68
N GLY B 56 -0.31 -5.80 7.01
CA GLY B 56 -1.48 -6.64 7.26
C GLY B 56 -2.72 -6.00 6.66
N THR B 57 -2.56 -5.08 5.70
CA THR B 57 -3.67 -4.34 5.11
C THR B 57 -3.89 -4.77 3.66
N ALA B 58 -5.12 -4.57 3.19
CA ALA B 58 -5.53 -5.01 1.87
C ALA B 58 -6.58 -4.07 1.26
N ASP B 59 -6.74 -4.19 -0.04
CA ASP B 59 -7.71 -3.44 -0.80
C ASP B 59 -8.33 -4.39 -1.81
N TYR B 60 -9.61 -4.25 -2.10
CA TYR B 60 -10.33 -5.16 -2.99
C TYR B 60 -11.03 -4.38 -4.09
N ALA B 61 -11.08 -4.95 -5.29
CA ALA B 61 -11.83 -4.34 -6.39
C ALA B 61 -13.31 -4.24 -6.04
N GLN B 62 -13.91 -3.13 -6.45
CA GLN B 62 -15.27 -2.74 -6.10
C GLN B 62 -16.31 -3.82 -6.45
N GLU B 63 -16.17 -4.36 -7.66
CA GLU B 63 -17.11 -5.36 -8.17
C GLU B 63 -17.11 -6.70 -7.39
N PHE B 64 -16.07 -6.98 -6.61
CA PHE B 64 -16.02 -8.12 -5.65
C PHE B 64 -16.14 -7.75 -4.16
N GLN B 65 -16.47 -6.49 -3.84
CA GLN B 65 -16.57 -6.12 -2.43
C GLN B 65 -17.51 -7.10 -1.70
N GLY B 66 -16.96 -7.66 -0.62
CA GLY B 66 -17.67 -8.54 0.28
C GLY B 66 -17.63 -9.97 -0.16
N ARG B 67 -16.87 -10.26 -1.21
CA ARG B 67 -16.72 -11.62 -1.73
C ARG B 67 -15.32 -12.12 -1.71
N VAL B 68 -14.33 -11.24 -1.86
CA VAL B 68 -12.91 -11.63 -1.83
C VAL B 68 -12.33 -11.34 -0.45
N THR B 69 -11.57 -12.30 0.10
CA THR B 69 -10.80 -12.09 1.33
C THR B 69 -9.37 -12.46 1.02
N ILE B 70 -8.44 -11.55 1.30
CA ILE B 70 -7.02 -11.79 1.08
C ILE B 70 -6.35 -11.80 2.47
N THR B 71 -5.50 -12.79 2.70
CA THR B 71 -4.78 -12.95 3.97
C THR B 71 -3.37 -13.37 3.68
N THR B 72 -2.52 -13.26 4.68
CA THR B 72 -1.11 -13.58 4.55
C THR B 72 -0.62 -14.26 5.85
N ASP B 73 0.18 -15.33 5.72
CA ASP B 73 0.89 -15.96 6.85
C ASP B 73 2.38 -15.62 6.69
N GLU B 74 2.85 -14.63 7.46
CA GLU B 74 4.20 -14.08 7.29
C GLU B 74 5.30 -15.09 7.56
N SER B 75 5.07 -16.00 8.52
CA SER B 75 6.07 -17.00 8.91
C SER B 75 6.34 -18.03 7.81
N THR B 76 5.30 -18.44 7.10
CA THR B 76 5.39 -19.45 6.04
C THR B 76 5.50 -18.82 4.61
N SER B 77 5.51 -17.49 4.51
CA SER B 77 5.62 -16.80 3.21
C SER B 77 4.48 -17.21 2.27
N THR B 78 3.27 -17.30 2.81
CA THR B 78 2.12 -17.75 2.05
C THR B 78 1.01 -16.68 2.07
N ALA B 79 0.50 -16.35 0.88
CA ALA B 79 -0.65 -15.49 0.75
C ALA B 79 -1.81 -16.33 0.23
N TYR B 80 -3.02 -15.92 0.56
CA TYR B 80 -4.22 -16.62 0.26
C TYR B 80 -5.23 -15.64 -0.28
N MET B 81 -6.01 -16.07 -1.26
CA MET B 81 -7.17 -15.35 -1.70
C MET B 81 -8.38 -16.28 -1.61
N GLU B 82 -9.40 -15.82 -0.89
CA GLU B 82 -10.67 -16.58 -0.80
C GLU B 82 -11.73 -15.82 -1.58
N LEU B 83 -12.44 -16.53 -2.48
CA LEU B 83 -13.60 -16.00 -3.19
C LEU B 83 -14.85 -16.83 -2.82
N SER B 84 -15.82 -16.19 -2.17
CA SER B 84 -17.08 -16.86 -1.80
C SER B 84 -18.20 -16.65 -2.83
N GLY B 85 -19.28 -17.40 -2.65
CA GLY B 85 -20.49 -17.26 -3.46
C GLY B 85 -20.26 -17.47 -4.93
N LEU B 86 -19.49 -18.52 -5.27
CA LEU B 86 -19.03 -18.78 -6.64
C LEU B 86 -20.17 -19.04 -7.64
N ARG B 87 -20.00 -18.52 -8.85
CA ARG B 87 -20.93 -18.68 -9.97
C ARG B 87 -20.13 -19.05 -11.22
N SER B 88 -20.85 -19.38 -12.31
CA SER B 88 -20.22 -19.71 -13.61
C SER B 88 -19.22 -18.66 -14.05
N GLU B 89 -19.61 -17.40 -13.90
CA GLU B 89 -18.78 -16.26 -14.31
C GLU B 89 -17.43 -16.23 -13.61
N ASP B 90 -17.29 -16.95 -12.49
CA ASP B 90 -16.03 -16.99 -11.73
C ASP B 90 -15.03 -17.98 -12.24
N THR B 91 -15.42 -18.76 -13.23
CA THR B 91 -14.47 -19.63 -13.92
C THR B 91 -13.32 -18.85 -14.55
N ALA B 92 -12.11 -19.10 -14.08
CA ALA B 92 -10.95 -18.33 -14.51
C ALA B 92 -9.64 -18.92 -14.01
N VAL B 93 -8.53 -18.43 -14.59
CA VAL B 93 -7.19 -18.67 -14.07
C VAL B 93 -6.91 -17.54 -13.08
N TYR B 94 -6.56 -17.87 -11.84
CA TYR B 94 -6.34 -16.92 -10.74
C TYR B 94 -4.84 -16.81 -10.50
N TYR B 95 -4.26 -15.65 -10.83
CA TYR B 95 -2.83 -15.40 -10.72
C TYR B 95 -2.45 -14.65 -9.42
N CYS B 96 -1.36 -15.13 -8.83
CA CYS B 96 -0.66 -14.51 -7.75
C CYS B 96 0.42 -13.64 -8.38
N VAL B 97 0.50 -12.36 -7.97
CA VAL B 97 1.56 -11.43 -8.45
C VAL B 97 2.36 -10.86 -7.27
N LEU B 98 3.68 -11.07 -7.32
CA LEU B 98 4.59 -10.51 -6.36
C LEU B 98 5.11 -9.21 -6.91
N LEU B 99 5.10 -8.14 -6.11
CA LEU B 99 5.59 -6.83 -6.56
C LEU B 99 6.38 -6.10 -5.50
N GLY B 100 7.34 -5.29 -5.94
CA GLY B 100 7.92 -4.27 -5.08
C GLY B 100 9.24 -3.76 -5.60
N THR B 101 10.24 -3.75 -4.74
CA THR B 101 11.52 -3.12 -5.01
C THR B 101 12.58 -4.19 -4.98
N THR B 102 13.41 -4.22 -6.01
CA THR B 102 14.51 -5.19 -6.08
C THR B 102 15.59 -4.87 -5.02
N MET B 103 16.12 -5.89 -4.36
CA MET B 103 17.33 -5.73 -3.55
C MET B 103 18.48 -5.26 -4.45
N VAL B 104 19.39 -4.49 -3.87
CA VAL B 104 20.57 -3.96 -4.57
C VAL B 104 20.21 -2.83 -5.56
N THR B 105 19.51 -3.13 -6.65
CA THR B 105 19.22 -2.12 -7.69
C THR B 105 18.17 -1.09 -7.26
N GLY B 106 17.26 -1.51 -6.38
CA GLY B 106 16.23 -0.61 -5.86
C GLY B 106 15.19 -0.14 -6.87
N HIS B 107 14.88 -0.94 -7.89
CA HIS B 107 13.82 -0.56 -8.86
C HIS B 107 12.64 -1.55 -8.87
N TYR B 108 11.53 -1.12 -9.47
CA TYR B 108 10.28 -1.89 -9.47
C TYR B 108 10.46 -3.24 -10.15
N PHE B 109 9.76 -4.26 -9.65
CA PHE B 109 9.66 -5.51 -10.39
C PHE B 109 8.32 -6.16 -10.06
N ASP B 110 7.80 -6.98 -10.98
CA ASP B 110 6.73 -7.86 -10.63
C ASP B 110 6.94 -9.22 -11.23
N TYR B 111 6.39 -10.24 -10.59
CA TYR B 111 6.55 -11.62 -11.03
C TYR B 111 5.22 -12.33 -10.84
N TRP B 112 4.74 -12.98 -11.89
CA TRP B 112 3.44 -13.63 -11.84
C TRP B 112 3.69 -15.13 -11.62
N GLY B 113 2.81 -15.77 -10.89
CA GLY B 113 2.81 -17.26 -10.78
C GLY B 113 2.17 -17.84 -12.03
N GLN B 114 2.21 -19.16 -12.18
CA GLN B 114 1.60 -19.77 -13.36
C GLN B 114 0.08 -19.91 -13.26
N GLY B 115 -0.51 -19.54 -12.13
CA GLY B 115 -1.97 -19.37 -12.00
C GLY B 115 -2.61 -20.66 -11.51
N THR B 116 -3.80 -20.55 -10.93
CA THR B 116 -4.63 -21.70 -10.53
C THR B 116 -5.97 -21.64 -11.28
N LEU B 117 -6.27 -22.69 -12.06
CA LEU B 117 -7.53 -22.77 -12.78
C LEU B 117 -8.63 -23.13 -11.78
N VAL B 118 -9.67 -22.31 -11.69
CA VAL B 118 -10.84 -22.61 -10.89
C VAL B 118 -12.02 -22.68 -11.87
N THR B 119 -12.63 -23.87 -11.93
CA THR B 119 -13.81 -24.10 -12.72
C THR B 119 -15.04 -24.23 -11.83
N VAL B 120 -16.09 -23.42 -12.07
CA VAL B 120 -17.38 -23.51 -11.36
C VAL B 120 -18.50 -24.19 -12.22
N SER B 121 -19.01 -25.35 -11.80
CA SER B 121 -20.32 -25.91 -12.31
C SER B 121 -20.94 -27.07 -11.51
N SER B 142 -19.05 -6.43 -16.10
CA SER B 142 -18.39 -5.63 -17.12
C SER B 142 -17.64 -4.42 -16.47
N ASN B 143 -16.53 -4.72 -15.79
CA ASN B 143 -15.77 -3.70 -15.03
C ASN B 143 -15.11 -2.65 -15.92
N PHE B 144 -14.69 -1.53 -15.33
CA PHE B 144 -13.93 -0.50 -16.06
C PHE B 144 -12.60 -1.04 -16.55
N MET B 145 -12.32 -0.76 -17.82
CA MET B 145 -11.03 -1.07 -18.45
C MET B 145 -10.55 0.11 -19.26
N LEU B 146 -9.24 0.23 -19.39
CA LEU B 146 -8.60 1.25 -20.24
C LEU B 146 -8.80 0.85 -21.69
N THR B 147 -8.81 1.82 -22.61
CA THR B 147 -9.17 1.51 -24.01
C THR B 147 -7.94 1.20 -24.85
N GLN B 148 -7.95 0.01 -25.49
CA GLN B 148 -6.88 -0.32 -26.43
C GLN B 148 -7.49 -0.81 -27.74
N PRO B 149 -6.84 -0.54 -28.87
CA PRO B 149 -7.37 -1.21 -30.06
C PRO B 149 -7.38 -2.76 -29.94
N PRO B 150 -8.41 -3.43 -30.47
CA PRO B 150 -8.43 -4.91 -30.40
C PRO B 150 -7.22 -5.61 -31.04
N SER B 151 -6.67 -5.04 -32.10
CA SER B 151 -5.61 -5.73 -32.82
C SER B 151 -4.66 -4.80 -33.51
N ALA B 152 -3.49 -5.35 -33.77
CA ALA B 152 -2.43 -4.68 -34.51
C ALA B 152 -1.69 -5.77 -35.27
N SER B 153 -0.94 -5.34 -36.30
CA SER B 153 -0.14 -6.28 -37.08
C SER B 153 1.03 -5.65 -37.83
N GLY B 154 2.01 -6.48 -38.15
CA GLY B 154 3.14 -6.07 -38.99
C GLY B 154 3.91 -7.28 -39.50
N THR B 155 4.87 -7.05 -40.38
CA THR B 155 5.73 -8.09 -40.92
C THR B 155 7.08 -7.96 -40.21
N PRO B 156 7.92 -9.03 -40.22
CA PRO B 156 9.23 -8.95 -39.56
C PRO B 156 10.10 -7.76 -39.96
N GLY B 157 10.70 -7.10 -38.97
CA GLY B 157 11.51 -5.91 -39.22
C GLY B 157 10.77 -4.57 -39.19
N GLN B 158 9.45 -4.55 -39.36
CA GLN B 158 8.64 -3.33 -39.21
C GLN B 158 8.56 -2.83 -37.73
N SER B 159 7.92 -1.68 -37.58
CA SER B 159 7.54 -1.10 -36.31
C SER B 159 6.03 -1.02 -36.17
N VAL B 160 5.58 -1.08 -34.92
CA VAL B 160 4.19 -0.89 -34.63
C VAL B 160 4.07 -0.14 -33.31
N THR B 161 2.95 0.55 -33.16
CA THR B 161 2.61 1.24 -31.93
C THR B 161 1.24 0.77 -31.48
N ILE B 162 1.14 0.53 -30.17
CA ILE B 162 -0.12 0.12 -29.52
C ILE B 162 -0.44 1.20 -28.49
N SER B 163 -1.67 1.69 -28.56
CA SER B 163 -2.16 2.80 -27.79
C SER B 163 -3.06 2.32 -26.63
N CYS B 164 -3.16 3.17 -25.63
CA CYS B 164 -3.87 2.89 -24.42
C CYS B 164 -4.46 4.23 -23.93
N SER B 165 -5.79 4.43 -23.97
CA SER B 165 -6.43 5.69 -23.59
C SER B 165 -7.23 5.58 -22.30
N GLY B 166 -7.06 6.58 -21.43
CA GLY B 166 -7.64 6.57 -20.10
C GLY B 166 -8.15 7.95 -19.75
N SER B 167 -8.18 8.27 -18.48
CA SER B 167 -8.63 9.59 -18.03
C SER B 167 -7.73 10.04 -16.88
N GLY B 168 -8.05 11.23 -16.35
CA GLY B 168 -7.32 11.87 -15.28
C GLY B 168 -7.01 11.00 -14.09
N SER B 169 -7.97 10.19 -13.64
CA SER B 169 -7.84 9.43 -12.39
C SER B 169 -6.99 8.15 -12.54
N ASN B 170 -6.70 7.75 -13.78
CA ASN B 170 -5.85 6.63 -14.00
C ASN B 170 -4.53 7.07 -14.66
N ILE B 171 -4.43 6.93 -15.98
CA ILE B 171 -3.19 7.22 -16.72
C ILE B 171 -2.71 8.66 -16.47
N GLY B 172 -3.67 9.59 -16.36
CA GLY B 172 -3.33 11.03 -16.08
C GLY B 172 -2.43 11.25 -14.83
N ASN B 173 -2.66 10.45 -13.77
CA ASN B 173 -2.02 10.66 -12.46
C ASN B 173 -1.18 9.50 -11.95
N ASN B 174 -1.10 8.40 -12.69
CA ASN B 174 -0.48 7.16 -12.23
C ASN B 174 0.42 6.52 -13.26
N LYS B 175 1.33 5.68 -12.78
CA LYS B 175 2.36 5.07 -13.56
C LYS B 175 1.75 3.96 -14.40
N VAL B 176 2.12 3.90 -15.69
CA VAL B 176 1.56 2.91 -16.58
C VAL B 176 2.53 1.77 -16.73
N ASN B 177 2.03 0.52 -16.56
CA ASN B 177 2.81 -0.65 -16.91
C ASN B 177 2.29 -1.30 -18.18
N TRP B 178 3.18 -2.01 -18.88
CA TRP B 178 2.80 -2.88 -19.97
C TRP B 178 3.18 -4.39 -19.76
N TYR B 179 2.26 -5.27 -20.12
CA TYR B 179 2.40 -6.71 -19.97
C TYR B 179 2.30 -7.44 -21.34
N GLN B 180 3.20 -8.38 -21.57
CA GLN B 180 3.15 -9.30 -22.70
C GLN B 180 2.60 -10.64 -22.27
N GLN B 181 1.57 -11.13 -22.97
CA GLN B 181 1.07 -12.47 -22.73
C GLN B 181 1.13 -13.33 -24.00
N LEU B 182 2.08 -14.26 -24.00
CA LEU B 182 2.18 -15.29 -25.04
C LEU B 182 1.07 -16.30 -24.79
N PRO B 183 0.58 -16.97 -25.84
CA PRO B 183 -0.51 -17.94 -25.62
C PRO B 183 -0.04 -19.06 -24.72
N GLY B 184 -0.91 -19.46 -23.81
CA GLY B 184 -0.59 -20.49 -22.84
C GLY B 184 0.41 -20.11 -21.75
N THR B 185 0.66 -18.80 -21.52
CA THR B 185 1.62 -18.38 -20.50
C THR B 185 1.04 -17.28 -19.62
N ALA B 186 1.72 -17.05 -18.50
CA ALA B 186 1.33 -15.99 -17.57
C ALA B 186 1.75 -14.67 -18.21
N PRO B 187 1.09 -13.56 -17.84
CA PRO B 187 1.59 -12.28 -18.29
C PRO B 187 2.98 -12.04 -17.74
N LYS B 188 3.74 -11.22 -18.45
CA LYS B 188 5.08 -10.86 -18.05
C LYS B 188 5.31 -9.35 -18.21
N LEU B 189 5.96 -8.72 -17.23
CA LEU B 189 6.22 -7.27 -17.29
C LEU B 189 7.15 -6.91 -18.46
N LEU B 190 6.70 -5.97 -19.25
CA LEU B 190 7.44 -5.51 -20.40
C LEU B 190 7.96 -4.08 -20.18
N ILE B 191 7.09 -3.19 -19.66
CA ILE B 191 7.45 -1.82 -19.30
C ILE B 191 6.84 -1.46 -17.92
N TYR B 192 7.64 -0.78 -17.09
CA TYR B 192 7.15 -0.23 -15.86
C TYR B 192 7.42 1.28 -15.75
N SER B 193 6.70 1.92 -14.84
CA SER B 193 6.81 3.34 -14.58
C SER B 193 6.80 4.18 -15.91
N ASN B 194 5.83 3.89 -16.77
CA ASN B 194 5.65 4.52 -18.12
C ASN B 194 6.64 4.16 -19.22
N ASN B 195 7.93 4.17 -18.89
CA ASN B 195 9.03 4.10 -19.87
C ASN B 195 10.27 3.29 -19.46
N GLN B 196 10.20 2.55 -18.35
CA GLN B 196 11.37 1.79 -17.92
C GLN B 196 11.32 0.35 -18.39
N ARG B 197 12.45 -0.22 -18.82
CA ARG B 197 12.56 -1.64 -19.24
C ARG B 197 13.20 -2.53 -18.16
N PRO B 198 12.55 -3.65 -17.78
CA PRO B 198 13.21 -4.61 -16.86
C PRO B 198 14.44 -5.18 -17.53
N SER B 199 15.43 -5.65 -16.78
CA SER B 199 16.59 -6.26 -17.46
C SER B 199 16.08 -7.53 -18.17
N GLY B 200 16.57 -7.80 -19.37
CA GLY B 200 16.08 -8.94 -20.13
C GLY B 200 15.09 -8.59 -21.21
N VAL B 201 14.38 -7.46 -21.09
CA VAL B 201 13.54 -7.00 -22.22
C VAL B 201 14.40 -6.16 -23.17
N PRO B 202 14.46 -6.55 -24.45
CA PRO B 202 15.33 -5.82 -25.37
C PRO B 202 14.88 -4.39 -25.63
N ASP B 203 15.84 -3.55 -26.04
CA ASP B 203 15.66 -2.10 -26.25
C ASP B 203 14.66 -1.76 -27.36
N ARG B 204 14.29 -2.73 -28.18
CA ARG B 204 13.31 -2.45 -29.23
C ARG B 204 11.87 -2.28 -28.71
N PHE B 205 11.62 -2.62 -27.44
CA PHE B 205 10.38 -2.30 -26.75
C PHE B 205 10.59 -0.96 -26.03
N SER B 206 9.68 -0.02 -26.20
CA SER B 206 9.74 1.22 -25.41
C SER B 206 8.33 1.75 -25.08
N GLY B 207 8.21 2.47 -23.98
CA GLY B 207 6.94 2.97 -23.55
C GLY B 207 6.95 4.49 -23.44
N SER B 208 5.79 5.10 -23.57
CA SER B 208 5.70 6.53 -23.35
C SER B 208 4.31 6.86 -22.78
N LYS B 209 4.21 7.97 -22.07
CA LYS B 209 2.89 8.48 -21.78
C LYS B 209 2.87 9.97 -21.63
N SER B 210 1.73 10.56 -21.99
CA SER B 210 1.52 11.98 -21.92
C SER B 210 0.02 12.22 -21.82
N GLY B 211 -0.37 13.15 -20.92
CA GLY B 211 -1.78 13.40 -20.59
C GLY B 211 -2.44 12.09 -20.14
N THR B 212 -3.54 11.75 -20.77
CA THR B 212 -4.30 10.59 -20.43
C THR B 212 -4.07 9.40 -21.36
N SER B 213 -2.98 9.45 -22.13
CA SER B 213 -2.65 8.42 -23.09
C SER B 213 -1.24 7.82 -22.86
N ALA B 214 -1.12 6.54 -23.16
CA ALA B 214 0.15 5.80 -23.10
C ALA B 214 0.31 4.97 -24.36
N SER B 215 1.56 4.72 -24.73
CA SER B 215 1.87 4.00 -25.97
C SER B 215 3.04 3.03 -25.76
N LEU B 216 2.92 1.85 -26.35
CA LEU B 216 4.00 0.89 -26.39
C LEU B 216 4.49 0.82 -27.86
N ALA B 217 5.78 1.01 -28.08
CA ALA B 217 6.36 0.96 -29.42
C ALA B 217 7.26 -0.25 -29.49
N ILE B 218 7.16 -0.98 -30.59
CA ILE B 218 7.96 -2.18 -30.82
C ILE B 218 8.67 -1.96 -32.13
N SER B 219 9.99 -1.91 -32.06
CA SER B 219 10.87 -1.77 -33.20
C SER B 219 11.30 -3.19 -33.66
N GLY B 220 11.73 -3.31 -34.89
CA GLY B 220 12.29 -4.59 -35.40
C GLY B 220 11.48 -5.81 -35.02
N LEU B 221 10.19 -5.78 -35.39
CA LEU B 221 9.23 -6.86 -35.11
C LEU B 221 9.80 -8.23 -35.43
N GLN B 222 9.63 -9.16 -34.49
CA GLN B 222 10.03 -10.56 -34.69
C GLN B 222 8.81 -11.45 -34.45
N SER B 223 8.82 -12.65 -35.06
CA SER B 223 7.65 -13.53 -35.01
C SER B 223 7.29 -13.90 -33.57
N GLU B 224 8.28 -14.04 -32.69
CA GLU B 224 8.05 -14.31 -31.28
C GLU B 224 7.34 -13.16 -30.50
N ASP B 225 7.18 -11.98 -31.12
CA ASP B 225 6.48 -10.87 -30.48
C ASP B 225 4.98 -11.00 -30.63
N GLU B 226 4.51 -11.99 -31.39
CA GLU B 226 3.08 -12.27 -31.54
C GLU B 226 2.48 -12.68 -30.18
N ALA B 227 1.53 -11.91 -29.68
CA ALA B 227 1.04 -12.03 -28.32
C ALA B 227 -0.07 -11.02 -28.07
N ASP B 228 -0.66 -11.11 -26.88
CA ASP B 228 -1.55 -10.06 -26.39
C ASP B 228 -0.76 -9.09 -25.48
N TYR B 229 -1.05 -7.80 -25.64
CA TYR B 229 -0.35 -6.72 -24.91
C TYR B 229 -1.39 -5.95 -24.15
N TYR B 230 -1.16 -5.76 -22.87
CA TYR B 230 -2.08 -5.09 -22.00
C TYR B 230 -1.35 -3.92 -21.34
N CYS B 231 -1.99 -2.77 -21.35
CA CYS B 231 -1.54 -1.66 -20.48
C CYS B 231 -2.30 -1.76 -19.15
N ALA B 232 -1.78 -1.06 -18.12
CA ALA B 232 -2.41 -1.08 -16.80
C ALA B 232 -1.96 0.12 -15.90
N ALA B 233 -2.86 0.57 -15.05
CA ALA B 233 -2.55 1.60 -14.05
C ALA B 233 -3.55 1.62 -12.88
N TRP B 234 -3.09 2.17 -11.77
CA TRP B 234 -3.98 2.46 -10.66
C TRP B 234 -4.96 3.55 -11.03
N ASP B 235 -6.16 3.44 -10.51
CA ASP B 235 -7.19 4.42 -10.74
C ASP B 235 -7.58 4.99 -9.38
N ASP B 236 -7.38 6.32 -9.22
CA ASP B 236 -7.66 6.99 -7.95
C ASP B 236 -9.13 6.99 -7.57
N GLY B 237 -10.05 6.94 -8.56
CA GLY B 237 -11.47 7.06 -8.31
C GLY B 237 -12.09 5.78 -7.77
N LEU B 238 -11.72 4.65 -8.38
CA LEU B 238 -12.06 3.31 -7.93
C LEU B 238 -11.26 2.83 -6.72
N SER B 239 -10.11 3.44 -6.42
CA SER B 239 -9.09 2.80 -5.57
C SER B 239 -8.84 1.36 -5.95
N GLY B 240 -8.46 1.15 -7.21
CA GLY B 240 -8.17 -0.18 -7.71
C GLY B 240 -7.33 -0.11 -8.98
N TYR B 241 -6.79 -1.25 -9.36
CA TYR B 241 -5.85 -1.34 -10.44
C TYR B 241 -6.62 -1.78 -11.65
N VAL B 242 -6.41 -1.11 -12.76
CA VAL B 242 -7.20 -1.33 -13.95
C VAL B 242 -6.32 -1.73 -15.12
N PHE B 243 -6.77 -2.74 -15.84
CA PHE B 243 -6.11 -3.19 -17.06
C PHE B 243 -6.83 -2.65 -18.29
N GLY B 244 -6.07 -2.53 -19.37
CA GLY B 244 -6.68 -2.30 -20.66
C GLY B 244 -7.32 -3.52 -21.25
N THR B 245 -8.14 -3.28 -22.26
CA THR B 245 -8.84 -4.33 -23.00
C THR B 245 -7.91 -5.30 -23.73
N GLY B 246 -6.67 -4.92 -24.00
CA GLY B 246 -5.67 -5.83 -24.55
C GLY B 246 -5.67 -5.75 -26.06
N THR B 247 -4.49 -5.86 -26.65
CA THR B 247 -4.32 -5.71 -28.11
C THR B 247 -3.61 -6.98 -28.62
N LYS B 248 -4.22 -7.73 -29.53
CA LYS B 248 -3.60 -8.94 -30.07
C LYS B 248 -2.72 -8.53 -31.27
N LEU B 249 -1.42 -8.77 -31.13
CA LEU B 249 -0.47 -8.38 -32.16
C LEU B 249 -0.13 -9.61 -33.01
N THR B 250 -0.38 -9.52 -34.31
CA THR B 250 -0.03 -10.55 -35.28
C THR B 250 1.19 -10.17 -36.11
N VAL B 251 2.16 -11.07 -36.17
CA VAL B 251 3.32 -10.86 -37.01
C VAL B 251 3.07 -11.73 -38.27
N LEU B 252 2.88 -11.05 -39.39
CA LEU B 252 2.59 -11.71 -40.65
C LEU B 252 3.92 -12.16 -41.24
N ALA B 253 4.25 -13.46 -41.14
CA ALA B 253 5.35 -14.03 -41.92
C ALA B 253 4.89 -14.11 -43.37
N ALA B 254 4.78 -12.94 -44.02
CA ALA B 254 4.11 -12.78 -45.31
C ALA B 254 5.16 -12.68 -46.43
P PO4 C . -6.04 17.02 15.66
O1 PO4 C . -7.14 17.88 16.22
O2 PO4 C . -5.65 17.56 14.29
O3 PO4 C . -4.86 17.02 16.60
O4 PO4 C . -6.55 15.60 15.55
P PO4 D . -3.97 -8.89 13.54
O1 PO4 D . -2.92 -7.95 14.05
O2 PO4 D . -5.36 -8.37 13.86
O3 PO4 D . -3.73 -10.21 14.24
O4 PO4 D . -3.83 -9.00 12.03
O2 6GQ E . -1.39 -0.06 5.24
O1 6GQ E . -1.90 4.66 3.18
N 6GQ E . -0.55 2.56 3.11
C 6GQ E . -3.27 2.70 -2.95
O 6GQ E . 0.40 4.66 2.24
C8 6GQ E . -1.61 1.87 3.85
C5 6GQ E . -0.82 3.83 -0.28
C4 6GQ E . -1.53 3.58 0.88
N3 6GQ E . 1.27 3.54 10.47
C2 6GQ E . -3.37 2.80 -0.43
N1 6GQ E . -0.69 1.88 6.14
C6 6GQ E . -1.38 3.55 -1.51
C9 6GQ E . -1.22 1.15 5.14
C7 6GQ E . 0.71 1.82 2.91
S 6GQ E . -0.86 4.01 2.44
C3 6GQ E . -2.83 3.08 0.81
C1 6GQ E . -2.68 3.03 -1.61
C13 6GQ E . -0.44 3.32 6.12
C12 6GQ E . -0.80 3.91 7.45
N2 6GQ E . 0.08 3.38 8.49
C11 6GQ E . 0.57 2.01 8.26
C10 6GQ E . -0.38 1.20 7.42
C14 6GQ E . 0.68 4.18 9.45
C18 6GQ E . 1.87 4.28 11.41
C17 6GQ E . 1.92 5.65 11.39
C16 6GQ E . 1.30 6.30 10.37
C15 6GQ E . 0.67 5.58 9.37
P PO4 F . -12.32 -11.68 -16.89
O1 PO4 F . -12.05 -10.18 -16.92
O2 PO4 F . -12.52 -12.19 -15.46
O3 PO4 F . -11.16 -12.38 -17.55
O4 PO4 F . -13.59 -11.95 -17.67
P PO4 G . 2.87 9.38 -13.47
O1 PO4 G . 3.96 10.39 -13.78
O2 PO4 G . 3.27 8.09 -14.09
O3 PO4 G . 1.56 9.87 -14.07
O4 PO4 G . 2.72 9.15 -11.98
O2 6GQ H . -0.55 0.77 -5.42
O1 6GQ H . -3.67 -2.96 -3.63
N 6GQ H . -1.45 -1.86 -3.32
C 6GQ H . -4.36 -0.55 2.46
O 6GQ H . -1.82 -4.17 -2.50
C8 6GQ H . -1.92 -0.74 -4.15
C5 6GQ H . -2.65 -2.82 -0.05
C4 6GQ H . -3.02 -2.24 -1.25
N3 6GQ H . 0.61 -3.93 -10.31
C2 6GQ H . -4.27 -0.59 -0.06
N1 6GQ H . -0.93 -1.25 -6.34
C6 6GQ H . -3.07 -2.26 1.14
C9 6GQ H . -1.07 -0.35 -5.36
C7 6GQ H . -0.04 -1.82 -2.95
S 6GQ H . -2.52 -2.96 -2.78
C3 6GQ H . -3.84 -1.13 -1.26
C1 6GQ H . -3.90 -1.15 1.15
C13 6GQ H . -1.48 -2.62 -6.32
C12 6GQ H . -1.82 -3.06 -7.71
N2 6GQ H . -0.60 -3.13 -8.52
C11 6GQ H . 0.44 -2.15 -8.17
C10 6GQ H . -0.15 -0.91 -7.55
C14 6GQ H . -0.37 -4.14 -9.44
C18 6GQ H . 0.86 -4.90 -11.22
C17 6GQ H . 0.18 -6.08 -11.28
C16 6GQ H . -0.85 -6.30 -10.39
C15 6GQ H . -1.16 -5.33 -9.45
#